data_7H64
#
_entry.id   7H64
#
_cell.length_a   74.470
_cell.length_b   74.470
_cell.length_c   49.310
_cell.angle_alpha   90.00
_cell.angle_beta   90.00
_cell.angle_gamma   90.00
#
_symmetry.space_group_name_H-M   'P 43'
#
loop_
_entity.id
_entity.type
_entity.pdbx_description
1 polymer Chymase
2 non-polymer 'ZINC ION'
3 non-polymer '5-fluoro-3-{[(methoxycarbonyl)amino]methyl}-1-[(naphthalen-1-yl)methyl]-1H-indole-2-carboxylic acid'
4 non-polymer 'DIMETHYL SULFOXIDE'
5 water water
#
_entity_poly.entity_id   1
_entity_poly.type   'polypeptide(L)'
_entity_poly.pdbx_seq_one_letter_code
;IIGGTESKPHSRPYMAYLEIVTSNGPSKFCGGFLIRRNFVLTAAHCAGRSITVTLGAHNITEEEDTWQKLEVIKQFRHPK
YNTSTLHHDIMLLKLKEKASLTLAVGTLPFPSQKNFVPPGRMCRVAGWGRTGVLKPGSDTLQEVKLRLMDPQACSHFRDF
DHNLQLCVGNPRKTKSAFKGDSGGPLLCAGVAQGIVSYGRSDAKPPAVFTRISHYRPWINQILQAN
;
_entity_poly.pdbx_strand_id   A
#
# COMPACT_ATOMS: atom_id res chain seq x y z
N ILE A 1 -2.04 6.62 9.17
CA ILE A 1 -0.81 7.49 9.14
C ILE A 1 -0.73 8.25 10.47
N ILE A 2 0.38 8.07 11.19
CA ILE A 2 0.65 8.79 12.42
C ILE A 2 1.64 9.91 12.15
N GLY A 3 1.30 11.12 12.64
CA GLY A 3 2.21 12.25 12.64
C GLY A 3 2.39 12.87 11.25
N GLY A 4 1.38 12.70 10.39
CA GLY A 4 1.46 13.16 9.01
C GLY A 4 0.63 14.43 8.79
N THR A 5 0.34 14.70 7.51
CA THR A 5 -0.46 15.83 7.08
C THR A 5 -1.60 15.33 6.19
N GLU A 6 -2.67 16.11 6.09
CA GLU A 6 -3.73 15.84 5.12
C GLU A 6 -3.17 16.08 3.72
N SER A 7 -3.34 15.08 2.84
CA SER A 7 -2.94 15.20 1.45
C SER A 7 -3.74 16.32 0.78
N LYS A 8 -3.10 17.05 -0.14
CA LYS A 8 -3.85 17.91 -1.04
C LYS A 8 -4.84 17.03 -1.80
N PRO A 9 -6.15 17.33 -1.80
CA PRO A 9 -7.13 16.45 -2.43
C PRO A 9 -6.79 16.12 -3.89
N HIS A 10 -6.78 14.81 -4.18
CA HIS A 10 -6.60 14.28 -5.53
C HIS A 10 -5.17 14.45 -6.05
N SER A 11 -4.22 14.75 -5.15
CA SER A 11 -2.83 14.98 -5.52
C SER A 11 -2.07 13.67 -5.72
N ARG A 12 -2.66 12.54 -5.31
CA ARG A 12 -2.10 11.22 -5.53
C ARG A 12 -3.14 10.37 -6.29
N PRO A 13 -3.33 10.63 -7.61
CA PRO A 13 -4.46 10.05 -8.34
C PRO A 13 -4.47 8.54 -8.54
N TYR A 14 -3.34 7.89 -8.22
CA TYR A 14 -3.20 6.43 -8.29
C TYR A 14 -3.70 5.74 -7.02
N MET A 15 -4.03 6.50 -5.96
CA MET A 15 -4.37 5.88 -4.68
C MET A 15 -5.72 5.15 -4.77
N ALA A 16 -5.76 3.95 -4.18
CA ALA A 16 -6.96 3.11 -4.16
C ALA A 16 -7.37 2.83 -2.72
N TYR A 17 -8.68 2.92 -2.46
CA TYR A 17 -9.29 2.59 -1.18
C TYR A 17 -10.02 1.26 -1.34
N LEU A 18 -9.59 0.25 -0.57
CA LEU A 18 -10.08 -1.12 -0.71
C LEU A 18 -11.00 -1.46 0.46
N GLU A 19 -12.21 -1.95 0.14
CA GLU A 19 -13.09 -2.54 1.13
C GLU A 19 -13.04 -4.06 0.98
N ILE A 20 -12.64 -4.76 2.04
N ILE A 20 -12.64 -4.73 2.06
CA ILE A 20 -12.36 -6.19 1.96
CA ILE A 20 -12.32 -6.16 2.08
C ILE A 20 -13.41 -6.95 2.76
C ILE A 20 -13.45 -6.92 2.77
N VAL A 21 -14.12 -7.84 2.05
CA VAL A 21 -15.24 -8.58 2.59
C VAL A 21 -14.78 -10.01 2.92
N THR A 22 -15.18 -10.48 4.11
CA THR A 22 -14.98 -11.86 4.53
C THR A 22 -16.32 -12.42 5.00
N SER A 23 -16.38 -13.76 5.13
CA SER A 23 -17.64 -14.44 5.37
C SER A 23 -18.09 -14.31 6.82
N ASN A 24 -17.13 -14.12 7.75
CA ASN A 24 -17.39 -14.29 9.17
C ASN A 24 -17.01 -13.04 9.97
N GLY A 25 -16.96 -11.89 9.33
CA GLY A 25 -16.72 -10.65 10.05
C GLY A 25 -17.14 -9.45 9.21
N PRO A 26 -17.19 -8.23 9.81
CA PRO A 26 -17.50 -7.02 9.04
C PRO A 26 -16.35 -6.63 8.12
N SER A 27 -16.63 -5.64 7.26
CA SER A 27 -15.66 -5.11 6.31
C SER A 27 -14.37 -4.69 7.01
N LYS A 28 -13.24 -4.95 6.34
CA LYS A 28 -11.95 -4.35 6.68
C LYS A 28 -11.52 -3.45 5.52
N PHE A 29 -10.49 -2.63 5.73
CA PHE A 29 -10.06 -1.68 4.70
C PHE A 29 -8.54 -1.70 4.55
N CYS A 30 -8.09 -1.47 3.31
CA CYS A 30 -6.68 -1.34 2.98
C CYS A 30 -6.49 -0.21 1.97
N GLY A 31 -5.22 0.18 1.80
CA GLY A 31 -4.82 0.99 0.67
C GLY A 31 -4.30 0.11 -0.47
N GLY A 32 -3.96 0.78 -1.58
CA GLY A 32 -3.41 0.17 -2.78
C GLY A 32 -3.13 1.25 -3.81
N PHE A 33 -2.62 0.87 -4.99
CA PHE A 33 -2.36 1.86 -6.02
C PHE A 33 -2.57 1.26 -7.41
N LEU A 34 -3.07 2.10 -8.32
CA LEU A 34 -3.39 1.71 -9.69
C LEU A 34 -2.12 1.72 -10.53
N ILE A 35 -1.70 0.55 -11.03
CA ILE A 35 -0.49 0.44 -11.84
C ILE A 35 -0.82 0.22 -13.33
N ARG A 36 -2.04 -0.28 -13.60
N ARG A 36 -2.04 -0.27 -13.60
CA ARG A 36 -2.62 -0.30 -14.93
CA ARG A 36 -2.61 -0.26 -14.94
C ARG A 36 -4.08 0.12 -14.80
C ARG A 36 -4.09 0.10 -14.81
N ARG A 37 -4.74 0.45 -15.92
CA ARG A 37 -6.13 0.88 -15.85
C ARG A 37 -7.02 -0.21 -15.24
N ASN A 38 -6.63 -1.49 -15.32
CA ASN A 38 -7.39 -2.56 -14.70
C ASN A 38 -6.58 -3.40 -13.71
N PHE A 39 -5.52 -2.84 -13.10
CA PHE A 39 -4.78 -3.56 -12.07
C PHE A 39 -4.38 -2.64 -10.92
N VAL A 40 -4.63 -3.13 -9.69
CA VAL A 40 -4.22 -2.47 -8.46
C VAL A 40 -3.23 -3.37 -7.73
N LEU A 41 -2.16 -2.75 -7.19
CA LEU A 41 -1.17 -3.45 -6.37
C LEU A 41 -1.45 -3.14 -4.90
N THR A 42 -1.35 -4.19 -4.04
CA THR A 42 -1.63 -4.06 -2.61
C THR A 42 -0.89 -5.17 -1.88
N ALA A 43 -1.22 -5.37 -0.59
CA ALA A 43 -0.62 -6.41 0.23
C ALA A 43 -1.47 -7.68 0.19
N ALA A 44 -0.78 -8.84 0.25
CA ALA A 44 -1.43 -10.15 0.25
C ALA A 44 -2.35 -10.33 1.47
N HIS A 45 -2.01 -9.70 2.60
CA HIS A 45 -2.80 -9.86 3.82
C HIS A 45 -4.12 -9.11 3.71
N CYS A 46 -4.32 -8.36 2.63
CA CYS A 46 -5.59 -7.68 2.35
C CYS A 46 -6.53 -8.54 1.50
N ALA A 47 -6.18 -9.81 1.27
CA ALA A 47 -7.03 -10.71 0.51
C ALA A 47 -8.33 -10.99 1.28
N GLY A 48 -9.41 -11.27 0.53
CA GLY A 48 -10.69 -11.56 1.14
C GLY A 48 -11.56 -12.40 0.20
N ARG A 49 -12.82 -12.59 0.59
CA ARG A 49 -13.77 -13.31 -0.25
C ARG A 49 -14.10 -12.45 -1.47
N SER A 50 -14.24 -11.14 -1.26
CA SER A 50 -14.44 -10.19 -2.35
C SER A 50 -13.88 -8.84 -1.93
N ILE A 51 -13.55 -8.00 -2.92
CA ILE A 51 -12.98 -6.67 -2.67
C ILE A 51 -13.63 -5.67 -3.63
N THR A 52 -13.90 -4.45 -3.12
N THR A 52 -13.93 -4.47 -3.12
CA THR A 52 -14.31 -3.33 -3.94
CA THR A 52 -14.29 -3.33 -3.95
C THR A 52 -13.23 -2.25 -3.86
C THR A 52 -13.19 -2.28 -3.87
N VAL A 53 -12.95 -1.61 -5.00
CA VAL A 53 -11.94 -0.56 -5.10
C VAL A 53 -12.65 0.77 -5.36
N THR A 54 -12.32 1.80 -4.58
CA THR A 54 -12.73 3.16 -4.88
C THR A 54 -11.50 3.98 -5.29
N LEU A 55 -11.52 4.47 -6.54
CA LEU A 55 -10.54 5.42 -7.04
C LEU A 55 -11.11 6.83 -6.96
N GLY A 56 -10.23 7.83 -6.90
CA GLY A 56 -10.61 9.23 -7.00
C GLY A 56 -11.08 9.83 -5.68
N ALA A 57 -10.77 9.17 -4.55
CA ALA A 57 -11.29 9.61 -3.25
C ALA A 57 -10.31 10.54 -2.55
N HIS A 58 -10.87 11.42 -1.71
CA HIS A 58 -10.10 12.13 -0.70
C HIS A 58 -10.72 11.89 0.68
N ASN A 59 -11.90 12.49 0.92
CA ASN A 59 -12.70 12.20 2.10
C ASN A 59 -13.63 11.04 1.74
N ILE A 60 -13.36 9.86 2.31
CA ILE A 60 -14.06 8.65 1.89
C ILE A 60 -15.47 8.58 2.48
N THR A 61 -15.89 9.59 3.26
CA THR A 61 -17.27 9.66 3.75
C THR A 61 -18.16 10.53 2.85
N GLU A 62 -17.57 11.24 1.88
CA GLU A 62 -18.31 12.19 1.09
C GLU A 62 -18.22 11.84 -0.40
N GLU A 63 -19.32 11.26 -0.93
CA GLU A 63 -19.42 10.88 -2.33
C GLU A 63 -19.23 12.12 -3.20
N GLU A 64 -18.48 11.95 -4.30
CA GLU A 64 -18.27 13.03 -5.26
C GLU A 64 -18.07 12.44 -6.65
N ASP A 65 -18.10 13.32 -7.68
CA ASP A 65 -18.05 12.89 -9.07
C ASP A 65 -16.72 12.22 -9.41
N THR A 66 -15.64 12.55 -8.68
CA THR A 66 -14.33 11.94 -8.94
C THR A 66 -14.33 10.45 -8.59
N TRP A 67 -15.24 10.00 -7.71
CA TRP A 67 -15.28 8.59 -7.32
C TRP A 67 -15.51 7.68 -8.52
N GLN A 68 -14.73 6.61 -8.59
CA GLN A 68 -15.04 5.44 -9.39
C GLN A 68 -15.02 4.22 -8.47
N LYS A 69 -16.21 3.65 -8.23
CA LYS A 69 -16.33 2.42 -7.44
C LYS A 69 -16.28 1.24 -8.42
N LEU A 70 -15.26 0.39 -8.28
CA LEU A 70 -14.96 -0.59 -9.30
C LEU A 70 -14.92 -2.01 -8.71
N GLU A 71 -15.50 -2.95 -9.45
CA GLU A 71 -15.53 -4.36 -9.10
C GLU A 71 -14.18 -5.01 -9.38
N VAL A 72 -13.76 -5.91 -8.48
CA VAL A 72 -12.60 -6.76 -8.67
C VAL A 72 -13.06 -8.12 -9.17
N ILE A 73 -12.51 -8.61 -10.28
N ILE A 73 -12.51 -8.58 -10.30
CA ILE A 73 -12.93 -9.91 -10.81
CA ILE A 73 -12.90 -9.86 -10.87
C ILE A 73 -12.07 -11.04 -10.24
C ILE A 73 -12.08 -11.01 -10.27
N LYS A 74 -10.79 -10.77 -9.97
CA LYS A 74 -9.88 -11.81 -9.55
C LYS A 74 -8.75 -11.23 -8.70
N GLN A 75 -8.37 -11.99 -7.65
CA GLN A 75 -7.26 -11.66 -6.77
C GLN A 75 -6.08 -12.58 -7.07
N PHE A 76 -4.89 -12.00 -7.22
CA PHE A 76 -3.68 -12.74 -7.49
C PHE A 76 -2.71 -12.56 -6.31
N ARG A 77 -2.88 -13.39 -5.28
CA ARG A 77 -2.02 -13.34 -4.12
C ARG A 77 -0.69 -14.03 -4.47
N HIS A 78 0.43 -13.48 -3.98
CA HIS A 78 1.73 -14.08 -4.26
C HIS A 78 1.69 -15.54 -3.82
N PRO A 79 2.07 -16.50 -4.69
CA PRO A 79 1.94 -17.93 -4.38
C PRO A 79 2.78 -18.42 -3.19
N LYS A 80 3.81 -17.65 -2.81
CA LYS A 80 4.68 -18.03 -1.70
C LYS A 80 4.37 -17.24 -0.43
N TYR A 81 3.27 -16.45 -0.43
CA TYR A 81 2.89 -15.69 0.75
C TYR A 81 2.72 -16.62 1.93
N ASN A 82 3.34 -16.25 3.06
CA ASN A 82 3.41 -17.05 4.27
C ASN A 82 2.77 -16.28 5.42
N THR A 83 1.73 -16.84 6.04
CA THR A 83 0.98 -16.11 7.06
C THR A 83 1.73 -16.07 8.39
N SER A 84 2.77 -16.90 8.56
CA SER A 84 3.55 -16.91 9.80
C SER A 84 4.65 -15.86 9.75
N THR A 85 5.45 -15.88 8.67
CA THR A 85 6.60 -14.99 8.53
C THR A 85 6.19 -13.66 7.91
N LEU A 86 5.08 -13.67 7.16
CA LEU A 86 4.60 -12.54 6.37
C LEU A 86 5.53 -12.24 5.18
N HIS A 87 6.40 -13.18 4.80
CA HIS A 87 7.19 -13.02 3.59
C HIS A 87 6.28 -13.00 2.38
N HIS A 88 6.63 -12.18 1.38
CA HIS A 88 5.98 -12.12 0.08
C HIS A 88 4.58 -11.53 0.23
N ASP A 89 4.47 -10.47 1.03
CA ASP A 89 3.18 -9.83 1.30
C ASP A 89 2.83 -8.87 0.16
N ILE A 90 2.35 -9.45 -0.95
CA ILE A 90 2.05 -8.66 -2.14
C ILE A 90 0.95 -9.37 -2.94
N MET A 91 0.09 -8.58 -3.57
CA MET A 91 -1.07 -9.08 -4.29
C MET A 91 -1.47 -8.09 -5.39
N LEU A 92 -1.89 -8.64 -6.54
CA LEU A 92 -2.47 -7.88 -7.63
C LEU A 92 -3.98 -8.13 -7.69
N LEU A 93 -4.74 -7.05 -7.90
CA LEU A 93 -6.19 -7.13 -8.09
C LEU A 93 -6.49 -6.74 -9.54
N LYS A 94 -7.17 -7.64 -10.28
CA LYS A 94 -7.64 -7.31 -11.61
C LYS A 94 -9.05 -6.75 -11.52
N LEU A 95 -9.25 -5.57 -12.12
CA LEU A 95 -10.55 -4.91 -12.13
C LEU A 95 -11.37 -5.46 -13.29
N LYS A 96 -12.70 -5.51 -13.08
CA LYS A 96 -13.65 -6.03 -14.06
C LYS A 96 -13.58 -5.22 -15.35
N GLU A 97 -13.41 -3.90 -15.20
CA GLU A 97 -13.30 -2.99 -16.33
C GLU A 97 -12.11 -2.07 -16.13
N LYS A 98 -11.67 -1.42 -17.21
CA LYS A 98 -10.59 -0.45 -17.11
C LYS A 98 -11.15 0.84 -16.54
N ALA A 99 -10.42 1.42 -15.57
CA ALA A 99 -10.79 2.68 -14.97
C ALA A 99 -10.76 3.80 -16.01
N SER A 100 -11.57 4.84 -15.77
CA SER A 100 -11.50 6.07 -16.55
C SER A 100 -10.31 6.90 -16.09
N LEU A 101 -9.60 7.50 -17.05
CA LEU A 101 -8.55 8.46 -16.75
C LEU A 101 -9.19 9.84 -16.58
N THR A 102 -8.94 10.46 -15.41
CA THR A 102 -9.39 11.81 -15.11
C THR A 102 -8.25 12.55 -14.43
N LEU A 103 -8.46 13.83 -14.08
CA LEU A 103 -7.49 14.56 -13.29
C LEU A 103 -7.27 13.81 -11.97
N ALA A 104 -8.34 13.25 -11.41
CA ALA A 104 -8.30 12.66 -10.07
C ALA A 104 -7.90 11.19 -10.08
N VAL A 105 -7.86 10.55 -11.26
CA VAL A 105 -7.58 9.12 -11.35
C VAL A 105 -6.60 8.86 -12.50
N GLY A 106 -5.44 8.28 -12.16
CA GLY A 106 -4.43 7.91 -13.15
C GLY A 106 -3.54 6.77 -12.62
N THR A 107 -2.73 6.20 -13.52
CA THR A 107 -1.84 5.11 -13.16
C THR A 107 -0.50 5.65 -12.68
N LEU A 108 0.20 4.81 -11.92
CA LEU A 108 1.59 5.01 -11.55
C LEU A 108 2.38 3.83 -12.10
N PRO A 109 2.84 3.86 -13.38
CA PRO A 109 3.62 2.75 -13.93
C PRO A 109 5.04 2.78 -13.37
N PHE A 110 5.69 1.62 -13.37
CA PHE A 110 7.07 1.51 -12.92
C PHE A 110 8.00 2.04 -14.00
N PRO A 111 9.13 2.69 -13.64
CA PRO A 111 10.19 2.97 -14.61
C PRO A 111 10.88 1.66 -14.99
N SER A 112 11.64 1.69 -16.08
N SER A 112 11.64 1.69 -16.08
CA SER A 112 12.30 0.51 -16.62
CA SER A 112 12.30 0.52 -16.62
C SER A 112 13.29 -0.08 -15.61
C SER A 112 13.28 -0.07 -15.60
N GLN A 113 13.99 0.81 -14.89
CA GLN A 113 14.98 0.41 -13.89
C GLN A 113 14.29 -0.18 -12.66
N LYS A 114 14.90 -1.24 -12.10
CA LYS A 114 14.42 -1.88 -10.87
C LYS A 114 15.59 -2.02 -9.90
N ASN A 115 16.25 -0.89 -9.62
CA ASN A 115 17.47 -0.85 -8.83
C ASN A 115 17.14 -1.04 -7.34
N PHE A 116 18.02 -1.75 -6.64
CA PHE A 116 17.90 -1.97 -5.21
C PHE A 116 18.06 -0.63 -4.49
N VAL A 117 17.09 -0.29 -3.64
CA VAL A 117 17.09 0.99 -2.94
C VAL A 117 17.85 0.80 -1.63
N PRO A 118 18.98 1.52 -1.41
CA PRO A 118 19.73 1.42 -0.16
C PRO A 118 19.13 2.32 0.91
N PRO A 119 19.44 2.07 2.20
CA PRO A 119 18.99 2.93 3.28
C PRO A 119 19.53 4.35 3.14
N GLY A 120 18.82 5.32 3.74
CA GLY A 120 19.36 6.67 3.91
C GLY A 120 18.40 7.79 3.54
N ARG A 121 17.66 7.62 2.43
N ARG A 121 17.66 7.62 2.43
CA ARG A 121 16.91 8.71 1.83
CA ARG A 121 16.90 8.71 1.82
C ARG A 121 15.51 8.78 2.43
C ARG A 121 15.50 8.77 2.41
N MET A 122 14.81 9.89 2.13
CA MET A 122 13.45 10.12 2.61
C MET A 122 12.47 9.68 1.52
N CYS A 123 11.36 9.05 1.95
CA CYS A 123 10.28 8.62 1.08
C CYS A 123 8.95 9.04 1.71
N ARG A 124 7.85 8.89 0.97
CA ARG A 124 6.54 9.31 1.45
C ARG A 124 5.52 8.19 1.29
N VAL A 125 4.64 8.03 2.29
CA VAL A 125 3.58 7.03 2.27
C VAL A 125 2.25 7.72 2.58
N ALA A 126 1.16 7.21 1.99
CA ALA A 126 -0.16 7.78 2.16
C ALA A 126 -1.18 6.70 2.51
N GLY A 127 -2.25 7.09 3.21
CA GLY A 127 -3.31 6.15 3.55
C GLY A 127 -4.43 6.76 4.39
N TRP A 128 -5.48 5.97 4.59
CA TRP A 128 -6.66 6.33 5.36
C TRP A 128 -6.68 5.60 6.70
N GLY A 129 -5.51 5.12 7.16
CA GLY A 129 -5.42 4.31 8.36
C GLY A 129 -5.51 5.14 9.64
N ARG A 130 -5.34 4.45 10.78
CA ARG A 130 -5.43 5.07 12.09
C ARG A 130 -4.35 6.14 12.25
N THR A 131 -4.69 7.21 12.98
CA THR A 131 -3.79 8.33 13.20
C THR A 131 -3.21 8.26 14.62
N GLY A 132 -3.44 7.14 15.29
CA GLY A 132 -2.86 6.86 16.61
C GLY A 132 -3.24 5.46 17.04
N VAL A 133 -2.67 5.00 18.17
CA VAL A 133 -2.94 3.66 18.66
C VAL A 133 -4.42 3.52 19.02
N LEU A 134 -5.00 4.57 19.62
CA LEU A 134 -6.38 4.50 20.10
C LEU A 134 -7.32 5.34 19.23
N LYS A 135 -6.87 5.75 18.03
CA LYS A 135 -7.68 6.60 17.17
C LYS A 135 -8.22 5.77 16.01
N PRO A 136 -9.15 6.31 15.21
CA PRO A 136 -9.86 5.43 14.31
C PRO A 136 -9.22 5.79 12.98
N GLY A 137 -9.59 5.08 11.91
CA GLY A 137 -9.13 5.43 10.57
C GLY A 137 -9.52 6.85 10.20
N SER A 138 -8.66 7.53 9.43
CA SER A 138 -8.88 8.90 8.99
C SER A 138 -9.94 8.94 7.89
N ASP A 139 -10.84 9.92 7.96
CA ASP A 139 -11.81 10.17 6.90
C ASP A 139 -11.10 10.68 5.64
N THR A 140 -10.01 11.44 5.83
CA THR A 140 -9.29 12.06 4.72
C THR A 140 -7.97 11.33 4.47
N LEU A 141 -7.52 11.34 3.21
CA LEU A 141 -6.21 10.79 2.87
C LEU A 141 -5.13 11.61 3.58
N GLN A 142 -4.24 10.89 4.29
CA GLN A 142 -3.12 11.48 5.02
C GLN A 142 -1.81 10.98 4.41
N GLU A 143 -0.70 11.70 4.66
CA GLU A 143 0.60 11.26 4.18
C GLU A 143 1.70 11.75 5.12
N VAL A 144 2.86 11.08 5.05
CA VAL A 144 3.98 11.37 5.93
C VAL A 144 5.30 11.03 5.23
N LYS A 145 6.33 11.83 5.51
CA LYS A 145 7.68 11.59 5.02
C LYS A 145 8.45 10.79 6.06
N LEU A 146 9.09 9.68 5.62
CA LEU A 146 9.76 8.73 6.50
C LEU A 146 11.16 8.41 5.96
N ARG A 147 12.05 8.02 6.88
CA ARG A 147 13.43 7.71 6.55
C ARG A 147 13.61 6.20 6.31
N LEU A 148 14.26 5.84 5.19
CA LEU A 148 14.72 4.48 4.95
C LEU A 148 15.87 4.18 5.90
N MET A 149 15.73 3.10 6.68
CA MET A 149 16.68 2.77 7.74
C MET A 149 17.58 1.60 7.31
N ASP A 150 18.78 1.55 7.88
CA ASP A 150 19.65 0.39 7.74
C ASP A 150 18.91 -0.84 8.26
N PRO A 151 19.13 -2.05 7.70
CA PRO A 151 18.32 -3.21 8.08
C PRO A 151 18.40 -3.62 9.55
N GLN A 152 19.52 -3.30 10.22
CA GLN A 152 19.67 -3.63 11.64
C GLN A 152 18.60 -2.93 12.47
N ALA A 153 18.02 -1.83 11.97
CA ALA A 153 16.99 -1.11 12.70
C ALA A 153 15.70 -1.93 12.83
N CYS A 154 15.54 -2.96 11.98
CA CYS A 154 14.36 -3.82 11.99
C CYS A 154 14.68 -5.24 12.50
N SER A 155 15.84 -5.43 13.16
CA SER A 155 16.27 -6.75 13.58
C SER A 155 15.26 -7.40 14.53
N HIS A 156 14.62 -6.58 15.36
CA HIS A 156 13.69 -7.06 16.38
C HIS A 156 12.46 -7.74 15.76
N PHE A 157 12.16 -7.43 14.50
CA PHE A 157 11.24 -8.23 13.71
C PHE A 157 12.02 -9.46 13.23
N ARG A 158 11.83 -10.60 13.91
CA ARG A 158 12.75 -11.71 13.77
C ARG A 158 12.68 -12.31 12.37
N ASP A 159 11.54 -12.14 11.66
CA ASP A 159 11.38 -12.67 10.31
C ASP A 159 11.61 -11.61 9.23
N PHE A 160 12.10 -10.42 9.61
CA PHE A 160 12.49 -9.41 8.62
C PHE A 160 13.66 -9.92 7.79
N ASP A 161 13.64 -9.60 6.48
CA ASP A 161 14.68 -9.99 5.54
C ASP A 161 14.98 -8.80 4.62
N HIS A 162 16.25 -8.34 4.64
CA HIS A 162 16.67 -7.14 3.94
C HIS A 162 16.48 -7.27 2.43
N ASN A 163 16.59 -8.50 1.91
CA ASN A 163 16.48 -8.71 0.48
C ASN A 163 15.02 -8.56 0.04
N LEU A 164 14.08 -8.87 0.95
CA LEU A 164 12.66 -8.92 0.62
C LEU A 164 11.92 -7.65 1.04
N GLN A 165 12.47 -6.87 1.97
CA GLN A 165 11.70 -5.85 2.67
C GLN A 165 12.54 -4.59 2.92
N LEU A 166 11.84 -3.45 3.06
CA LEU A 166 12.42 -2.20 3.48
C LEU A 166 12.10 -1.96 4.95
N CYS A 167 13.02 -1.28 5.65
CA CYS A 167 12.87 -0.89 7.03
C CYS A 167 12.63 0.62 7.08
N VAL A 168 11.45 1.06 7.52
CA VAL A 168 11.00 2.42 7.23
C VAL A 168 10.52 3.13 8.49
N GLY A 169 11.18 4.27 8.81
CA GLY A 169 10.77 5.14 9.89
C GLY A 169 11.81 5.25 10.99
N ASN A 170 12.34 6.46 11.19
CA ASN A 170 13.27 6.77 12.27
C ASN A 170 12.61 6.47 13.61
N PRO A 171 13.22 5.62 14.48
CA PRO A 171 12.62 5.31 15.78
C PRO A 171 12.49 6.48 16.76
N ARG A 172 13.20 7.58 16.48
CA ARG A 172 13.17 8.78 17.32
C ARG A 172 11.96 9.66 17.04
N LYS A 173 11.19 9.35 15.98
CA LYS A 173 10.02 10.13 15.60
C LYS A 173 8.76 9.26 15.77
N THR A 174 7.60 9.91 15.91
CA THR A 174 6.33 9.20 15.98
C THR A 174 5.84 8.83 14.58
N LYS A 175 6.33 9.58 13.57
CA LYS A 175 5.87 9.45 12.19
C LYS A 175 5.91 7.99 11.75
N SER A 176 4.79 7.48 11.19
CA SER A 176 4.74 6.10 10.77
C SER A 176 3.49 5.80 9.96
N ALA A 177 3.60 4.84 9.02
CA ALA A 177 2.46 4.07 8.57
C ALA A 177 1.96 3.22 9.73
N PHE A 178 0.66 2.93 9.77
CA PHE A 178 0.10 2.13 10.85
C PHE A 178 -1.09 1.30 10.35
N LYS A 179 -1.80 0.66 11.30
CA LYS A 179 -3.00 -0.10 11.02
C LYS A 179 -3.95 0.70 10.14
N GLY A 180 -4.42 0.06 9.07
CA GLY A 180 -5.36 0.68 8.13
C GLY A 180 -4.64 1.22 6.90
N ASP A 181 -3.30 1.33 6.98
CA ASP A 181 -2.50 1.83 5.87
C ASP A 181 -1.95 0.67 5.04
N SER A 182 -2.22 -0.58 5.47
CA SER A 182 -1.82 -1.78 4.76
C SER A 182 -2.05 -1.65 3.26
N GLY A 183 -1.04 -2.01 2.46
CA GLY A 183 -1.18 -2.13 1.02
C GLY A 183 -0.85 -0.84 0.26
N GLY A 184 -0.72 0.28 0.98
CA GLY A 184 -0.44 1.56 0.36
C GLY A 184 1.01 1.68 -0.09
N PRO A 185 1.30 2.53 -1.11
CA PRO A 185 2.66 2.67 -1.63
C PRO A 185 3.57 3.57 -0.82
N LEU A 186 4.85 3.21 -0.80
CA LEU A 186 5.93 4.09 -0.36
C LEU A 186 6.62 4.62 -1.62
N LEU A 187 6.59 5.94 -1.81
CA LEU A 187 7.20 6.56 -2.97
C LEU A 187 8.50 7.25 -2.57
N CYS A 188 9.57 6.96 -3.33
CA CYS A 188 10.86 7.58 -3.16
C CYS A 188 11.20 8.32 -4.46
N ALA A 189 11.26 9.65 -4.39
CA ALA A 189 11.45 10.51 -5.55
C ALA A 189 10.43 10.18 -6.64
N GLY A 190 9.18 9.95 -6.24
CA GLY A 190 8.08 9.80 -7.17
C GLY A 190 7.93 8.38 -7.74
N VAL A 191 8.72 7.44 -7.22
CA VAL A 191 8.74 6.06 -7.71
C VAL A 191 8.28 5.14 -6.58
N ALA A 192 7.30 4.27 -6.87
CA ALA A 192 6.84 3.30 -5.88
C ALA A 192 7.94 2.27 -5.60
N GLN A 193 8.38 2.19 -4.33
CA GLN A 193 9.47 1.30 -3.95
C GLN A 193 9.04 0.31 -2.86
N GLY A 194 7.95 0.61 -2.13
CA GLY A 194 7.51 -0.23 -1.02
C GLY A 194 5.99 -0.35 -0.94
N ILE A 195 5.52 -1.37 -0.20
CA ILE A 195 4.12 -1.56 0.13
C ILE A 195 4.01 -1.73 1.65
N VAL A 196 3.08 -1.01 2.30
CA VAL A 196 2.93 -1.14 3.75
C VAL A 196 2.56 -2.58 4.09
N SER A 197 3.32 -3.23 4.98
CA SER A 197 3.09 -4.62 5.35
C SER A 197 2.73 -4.76 6.83
N TYR A 198 3.69 -4.55 7.75
CA TYR A 198 3.39 -4.75 9.16
C TYR A 198 4.36 -3.96 10.05
N GLY A 199 4.07 -3.97 11.35
CA GLY A 199 4.86 -3.28 12.35
C GLY A 199 4.40 -3.67 13.76
N ARG A 200 4.73 -2.82 14.73
CA ARG A 200 4.41 -3.04 16.13
C ARG A 200 3.01 -2.52 16.45
N SER A 201 2.31 -3.24 17.34
N SER A 201 2.31 -3.24 17.36
CA SER A 201 0.96 -2.87 17.77
CA SER A 201 0.97 -2.88 17.77
C SER A 201 0.95 -1.52 18.48
C SER A 201 0.94 -1.56 18.54
N ASP A 202 2.08 -1.15 19.11
CA ASP A 202 2.18 0.09 19.86
C ASP A 202 2.67 1.25 18.98
N ALA A 203 2.88 0.98 17.68
CA ALA A 203 3.12 1.99 16.66
C ALA A 203 4.54 2.57 16.69
N LYS A 204 5.44 2.00 17.50
CA LYS A 204 6.81 2.49 17.57
C LYS A 204 7.53 2.11 16.27
N PRO A 205 7.98 3.10 15.50
CA PRO A 205 8.71 2.81 14.25
C PRO A 205 10.08 2.22 14.54
N PRO A 206 10.78 1.59 13.56
CA PRO A 206 10.28 1.44 12.18
C PRO A 206 9.21 0.39 11.92
N ALA A 207 8.60 0.46 10.73
CA ALA A 207 7.71 -0.57 10.22
C ALA A 207 8.33 -1.26 9.01
N VAL A 208 7.71 -2.38 8.59
CA VAL A 208 8.22 -3.25 7.54
C VAL A 208 7.36 -3.09 6.28
N PHE A 209 8.03 -2.84 5.16
CA PHE A 209 7.39 -2.68 3.85
C PHE A 209 7.93 -3.75 2.90
N THR A 210 7.06 -4.26 2.02
CA THR A 210 7.48 -5.13 0.93
C THR A 210 8.38 -4.35 -0.02
N ARG A 211 9.54 -4.93 -0.39
CA ARG A 211 10.45 -4.32 -1.34
C ARG A 211 10.00 -4.66 -2.77
N ILE A 212 9.43 -3.67 -3.47
CA ILE A 212 8.78 -3.93 -4.75
C ILE A 212 9.77 -4.46 -5.78
N SER A 213 11.02 -3.99 -5.76
CA SER A 213 12.01 -4.36 -6.76
C SER A 213 12.17 -5.87 -6.86
N HIS A 214 12.07 -6.56 -5.72
CA HIS A 214 12.25 -8.00 -5.67
C HIS A 214 11.17 -8.74 -6.45
N TYR A 215 9.98 -8.12 -6.57
CA TYR A 215 8.80 -8.79 -7.12
C TYR A 215 8.48 -8.33 -8.53
N ARG A 216 9.36 -7.51 -9.12
CA ARG A 216 9.09 -6.95 -10.45
C ARG A 216 8.90 -8.07 -11.48
N PRO A 217 9.73 -9.14 -11.50
CA PRO A 217 9.48 -10.27 -12.41
C PRO A 217 8.10 -10.92 -12.26
N TRP A 218 7.67 -11.15 -11.02
CA TRP A 218 6.37 -11.75 -10.75
C TRP A 218 5.24 -10.83 -11.22
N ILE A 219 5.34 -9.54 -10.89
CA ILE A 219 4.35 -8.56 -11.32
C ILE A 219 4.23 -8.59 -12.84
N ASN A 220 5.37 -8.54 -13.53
CA ASN A 220 5.40 -8.55 -14.98
C ASN A 220 4.69 -9.79 -15.53
N GLN A 221 4.90 -10.94 -14.89
CA GLN A 221 4.37 -12.20 -15.37
C GLN A 221 2.85 -12.20 -15.32
N ILE A 222 2.28 -11.69 -14.22
CA ILE A 222 0.83 -11.61 -14.05
C ILE A 222 0.24 -10.65 -15.08
N LEU A 223 0.86 -9.47 -15.24
CA LEU A 223 0.32 -8.42 -16.09
C LEU A 223 0.31 -8.87 -17.56
N GLN A 224 1.35 -9.61 -17.97
CA GLN A 224 1.47 -10.04 -19.36
C GLN A 224 0.47 -11.15 -19.68
N ALA A 225 0.10 -11.97 -18.68
CA ALA A 225 -0.69 -13.17 -18.91
C ALA A 225 -2.19 -12.94 -18.69
N ASN A 226 -2.55 -11.77 -18.17
CA ASN A 226 -3.94 -11.49 -17.82
C ASN A 226 -4.37 -10.16 -18.45
#